data_1D6N
#
_entry.id   1D6N
#
_cell.length_a   129.560
_cell.length_b   65.850
_cell.length_c   51.460
_cell.angle_alpha   90.00
_cell.angle_beta   90.00
_cell.angle_gamma   90.00
#
_symmetry.space_group_name_H-M   'P 21 21 2'
#
loop_
_entity.id
_entity.type
_entity.pdbx_description
1 polymer 'PROTEIN (HYPOXANTHINE-GUANINE PHOSPHORIBOSYLTRANSFERASE)'
2 non-polymer 'MAGNESIUM ION'
3 non-polymer 3H-PYRAZOLO[4,3-D]PYRIMIDIN-7-OL
4 non-polymer 1-O-pyrophosphono-5-O-phosphono-alpha-D-ribofuranose
5 water water
#
_entity_poly.entity_id   1
_entity_poly.type   'polypeptide(L)'
_entity_poly.pdbx_seq_one_letter_code
;SPGVVISDDEPGYDLDLFCIPNHYAEDLERVFIPHGLIMDRTERLARDVMKEMGGHHIVALCVLAGGYKFFADLLDYIKA
LNRNSDRSIPMTVDFIRLGSYCNDQSTGDIKVIGGDDLSTLTGKNVLIVEDIIDTGKTMQTLLSLVRQYNPKMVKVASLL
VKRTPRSVGYKPDFVGFEIPDKFVVGYALDYNEYFRDLNHVCVISETGKAKYKA
;
_entity_poly.pdbx_strand_id   A,B
#
loop_
_chem_comp.id
_chem_comp.type
_chem_comp.name
_chem_comp.formula
MG non-polymer 'MAGNESIUM ION' 'Mg 2'
PPO non-polymer 3H-PYRAZOLO[4,3-D]PYRIMIDIN-7-OL 'C5 H4 N4 O'
PRP D-saccharide 1-O-pyrophosphono-5-O-phosphono-alpha-D-ribofuranose 'C5 H13 O14 P3'
#
# COMPACT_ATOMS: atom_id res chain seq x y z
N SER A 1 -16.47 -7.90 -17.71
CA SER A 1 -17.52 -6.85 -17.63
C SER A 1 -16.97 -5.54 -17.14
N PRO A 2 -17.60 -4.43 -17.53
CA PRO A 2 -17.18 -3.09 -17.13
C PRO A 2 -17.65 -2.77 -15.72
N GLY A 3 -18.66 -3.49 -15.28
CA GLY A 3 -19.21 -3.26 -13.95
C GLY A 3 -19.79 -1.85 -13.83
N VAL A 4 -20.12 -1.46 -12.60
CA VAL A 4 -20.68 -0.15 -12.34
C VAL A 4 -20.23 0.82 -13.42
N VAL A 5 -21.07 0.96 -14.45
CA VAL A 5 -20.81 1.85 -15.57
C VAL A 5 -21.61 3.13 -15.38
N ILE A 6 -21.04 4.26 -15.76
CA ILE A 6 -21.71 5.54 -15.62
C ILE A 6 -21.97 6.18 -16.98
N SER A 7 -23.20 6.63 -17.20
CA SER A 7 -23.52 7.27 -18.47
C SER A 7 -22.76 8.57 -18.67
N ASP A 8 -23.48 9.69 -18.73
CA ASP A 8 -22.85 11.01 -18.94
C ASP A 8 -23.54 12.14 -18.20
N ASP A 9 -24.86 12.19 -18.32
CA ASP A 9 -25.66 13.23 -17.67
C ASP A 9 -25.54 13.11 -16.15
N GLU A 10 -24.74 12.14 -15.71
CA GLU A 10 -24.53 11.89 -14.29
C GLU A 10 -24.22 13.14 -13.48
N PRO A 11 -25.14 13.56 -12.61
CA PRO A 11 -24.97 14.76 -11.78
C PRO A 11 -24.11 14.51 -10.55
N GLY A 12 -23.64 13.27 -10.39
CA GLY A 12 -22.86 12.98 -9.20
C GLY A 12 -23.80 13.38 -8.08
N TYR A 13 -23.29 13.73 -6.91
CA TYR A 13 -24.17 14.12 -5.82
C TYR A 13 -23.61 15.36 -5.14
N ASP A 14 -24.47 16.18 -4.55
CA ASP A 14 -23.99 17.38 -3.87
C ASP A 14 -23.05 16.97 -2.76
N LEU A 15 -21.90 17.62 -2.67
CA LEU A 15 -20.90 17.27 -1.68
C LEU A 15 -21.41 17.50 -0.26
N ASP A 16 -22.55 18.15 -0.16
CA ASP A 16 -23.11 18.45 1.15
C ASP A 16 -23.99 17.31 1.68
N LEU A 17 -24.32 16.37 0.80
CA LEU A 17 -25.11 15.21 1.17
C LEU A 17 -24.21 14.09 1.70
N PHE A 18 -22.90 14.37 1.70
CA PHE A 18 -21.91 13.40 2.16
C PHE A 18 -20.91 14.12 3.03
N CYS A 19 -20.00 13.36 3.62
CA CYS A 19 -18.99 13.96 4.47
C CYS A 19 -17.68 14.08 3.71
N ILE A 20 -17.46 15.25 3.13
CA ILE A 20 -16.25 15.54 2.39
C ILE A 20 -15.56 16.70 3.07
N PRO A 21 -14.26 16.54 3.34
CA PRO A 21 -13.39 17.52 4.00
C PRO A 21 -13.70 18.99 3.70
N ASN A 22 -13.47 19.83 4.70
CA ASN A 22 -13.70 21.26 4.59
C ASN A 22 -12.93 21.90 3.45
N HIS A 23 -11.64 22.13 3.65
CA HIS A 23 -10.82 22.74 2.60
C HIS A 23 -11.20 22.16 1.23
N TYR A 24 -11.42 20.86 1.18
CA TYR A 24 -11.80 20.20 -0.06
C TYR A 24 -13.22 20.55 -0.47
N ALA A 25 -13.74 21.61 0.13
CA ALA A 25 -15.09 22.05 -0.20
C ALA A 25 -15.01 22.78 -1.52
N GLU A 26 -14.99 24.10 -1.41
CA GLU A 26 -14.89 25.01 -2.54
C GLU A 26 -14.09 24.45 -3.72
N ASP A 27 -13.16 23.55 -3.45
CA ASP A 27 -12.33 23.01 -4.51
C ASP A 27 -13.02 21.96 -5.40
N LEU A 28 -14.17 21.45 -4.97
CA LEU A 28 -14.84 20.41 -5.75
C LEU A 28 -16.12 20.95 -6.38
N GLU A 29 -16.48 20.30 -7.48
CA GLU A 29 -17.68 20.61 -8.26
C GLU A 29 -18.90 19.87 -7.65
N ARG A 30 -18.87 18.55 -7.83
CA ARG A 30 -19.84 17.61 -7.22
C ARG A 30 -19.21 16.20 -7.17
N VAL A 31 -19.89 15.29 -6.48
CA VAL A 31 -19.32 13.97 -6.11
C VAL A 31 -19.76 12.89 -7.11
N PHE A 32 -18.76 12.24 -7.68
CA PHE A 32 -18.96 11.11 -8.59
C PHE A 32 -19.44 9.89 -7.83
N ILE A 33 -18.48 9.07 -7.42
CA ILE A 33 -18.77 7.86 -6.70
C ILE A 33 -18.42 7.96 -5.22
N PRO A 34 -19.28 7.44 -4.36
CA PRO A 34 -19.05 7.46 -2.91
C PRO A 34 -17.93 6.51 -2.52
N HIS A 35 -17.31 6.76 -1.37
CA HIS A 35 -16.26 5.88 -0.90
C HIS A 35 -16.87 4.48 -0.88
N GLY A 36 -18.02 4.38 -0.23
CA GLY A 36 -18.72 3.11 -0.11
C GLY A 36 -18.83 2.28 -1.37
N LEU A 37 -19.56 2.80 -2.35
CA LEU A 37 -19.78 2.13 -3.63
C LEU A 37 -18.53 1.39 -4.05
N ILE A 38 -17.40 1.78 -3.45
CA ILE A 38 -16.14 1.13 -3.75
C ILE A 38 -15.90 -0.01 -2.76
N MET A 39 -15.71 0.33 -1.48
CA MET A 39 -15.45 -0.66 -0.46
C MET A 39 -16.19 -1.90 -0.87
N ASP A 40 -17.44 -1.73 -1.29
CA ASP A 40 -18.23 -2.86 -1.72
C ASP A 40 -17.90 -3.31 -3.15
N ARG A 41 -17.83 -2.37 -4.09
CA ARG A 41 -17.52 -2.70 -5.48
C ARG A 41 -16.18 -3.39 -5.60
N THR A 42 -15.12 -2.70 -5.19
CA THR A 42 -13.79 -3.25 -5.22
C THR A 42 -13.93 -4.68 -4.74
N GLU A 43 -14.15 -4.80 -3.43
CA GLU A 43 -14.34 -6.07 -2.73
C GLU A 43 -14.70 -7.19 -3.66
N ARG A 44 -15.68 -6.92 -4.51
CA ARG A 44 -16.15 -7.90 -5.47
C ARG A 44 -15.01 -8.35 -6.35
N LEU A 45 -14.39 -7.39 -7.04
CA LEU A 45 -13.28 -7.72 -7.92
C LEU A 45 -12.43 -8.80 -7.31
N ALA A 46 -12.16 -8.67 -6.02
CA ALA A 46 -11.37 -9.67 -5.32
C ALA A 46 -12.00 -11.04 -5.48
N ARG A 47 -13.32 -11.11 -5.29
CA ARG A 47 -14.04 -12.37 -5.41
C ARG A 47 -14.14 -12.84 -6.86
N ASP A 48 -14.01 -11.89 -7.78
CA ASP A 48 -14.05 -12.21 -9.21
C ASP A 48 -12.64 -12.61 -9.67
N VAL A 49 -11.66 -11.80 -9.31
CA VAL A 49 -10.28 -12.11 -9.64
C VAL A 49 -9.97 -13.46 -9.03
N MET A 50 -10.25 -13.59 -7.73
CA MET A 50 -10.02 -14.83 -7.02
C MET A 50 -10.44 -16.04 -7.84
N LYS A 51 -11.64 -15.94 -8.43
CA LYS A 51 -12.21 -17.02 -9.23
C LYS A 51 -11.26 -17.41 -10.34
N GLU A 52 -11.45 -16.83 -11.52
CA GLU A 52 -10.58 -17.15 -12.65
C GLU A 52 -9.21 -17.59 -12.12
N MET A 53 -8.60 -16.74 -11.30
CA MET A 53 -7.30 -17.03 -10.71
C MET A 53 -7.49 -17.52 -9.26
N GLY A 54 -7.59 -18.84 -9.12
CA GLY A 54 -7.77 -19.44 -7.81
C GLY A 54 -6.51 -20.13 -7.31
N GLY A 55 -6.63 -21.40 -7.00
CA GLY A 55 -5.51 -22.17 -6.48
C GLY A 55 -4.25 -22.00 -7.28
N HIS A 56 -3.57 -20.88 -7.04
CA HIS A 56 -2.33 -20.54 -7.73
C HIS A 56 -1.43 -19.62 -6.90
N HIS A 57 -0.37 -19.14 -7.56
CA HIS A 57 0.60 -18.24 -6.97
C HIS A 57 0.58 -17.07 -7.92
N ILE A 58 0.20 -15.89 -7.44
CA ILE A 58 0.15 -14.77 -8.36
C ILE A 58 1.00 -13.60 -7.93
N VAL A 59 1.76 -13.08 -8.87
CA VAL A 59 2.61 -11.94 -8.57
C VAL A 59 1.72 -10.73 -8.75
N ALA A 60 1.38 -10.08 -7.64
CA ALA A 60 0.56 -8.90 -7.66
C ALA A 60 1.47 -7.68 -7.70
N LEU A 61 1.64 -7.13 -8.89
CA LEU A 61 2.46 -5.95 -9.06
C LEU A 61 1.53 -4.84 -9.38
N CYS A 62 1.88 -3.71 -9.00
CA CYS A 62 1.07 -2.54 -9.26
C CYS A 62 1.98 -1.47 -10.02
N VAL A 63 1.30 -0.53 -10.67
CA VAL A 63 1.90 0.74 -11.20
C VAL A 63 1.69 1.85 -10.14
N LEU A 64 2.51 2.94 -10.22
CA LEU A 64 2.82 3.81 -9.05
C LEU A 64 3.35 5.19 -9.57
N ALA A 65 3.62 6.20 -8.81
CA ALA A 65 3.24 7.64 -8.90
C ALA A 65 1.82 7.79 -8.24
N GLY A 66 1.77 8.02 -6.94
CA GLY A 66 0.80 8.89 -6.14
C GLY A 66 -0.34 8.07 -5.51
N GLY A 67 -0.69 6.99 -6.18
CA GLY A 67 -1.81 6.12 -5.77
C GLY A 67 -1.30 4.76 -5.37
N TYR A 68 -1.66 4.31 -4.18
CA TYR A 68 -1.23 3.01 -3.69
C TYR A 68 -2.44 2.29 -3.15
N LYS A 69 -3.28 3.06 -2.46
CA LYS A 69 -4.50 2.58 -1.82
C LYS A 69 -5.30 1.54 -2.61
N PHE A 70 -6.23 1.98 -3.46
CA PHE A 70 -7.05 1.05 -4.25
C PHE A 70 -6.38 -0.32 -4.41
N PHE A 71 -5.15 -0.33 -4.92
CA PHE A 71 -4.41 -1.57 -5.06
C PHE A 71 -4.53 -2.23 -3.68
N ALA A 72 -3.79 -1.69 -2.71
CA ALA A 72 -3.80 -2.18 -1.33
C ALA A 72 -5.10 -2.92 -1.07
N ASP A 73 -6.21 -2.18 -1.02
CA ASP A 73 -7.52 -2.76 -0.80
C ASP A 73 -7.80 -3.99 -1.66
N LEU A 74 -7.55 -3.85 -2.96
CA LEU A 74 -7.80 -4.96 -3.87
C LEU A 74 -7.08 -6.20 -3.42
N LEU A 75 -6.04 -6.02 -2.62
CA LEU A 75 -5.29 -7.15 -2.08
C LEU A 75 -6.01 -7.66 -0.85
N ASP A 76 -6.33 -6.74 0.06
CA ASP A 76 -7.02 -7.08 1.30
C ASP A 76 -8.10 -8.13 1.07
N TYR A 77 -9.14 -7.75 0.34
CA TYR A 77 -10.23 -8.69 0.07
C TYR A 77 -9.68 -10.03 -0.41
N ILE A 78 -8.65 -9.99 -1.24
CA ILE A 78 -8.04 -11.20 -1.77
C ILE A 78 -7.53 -11.98 -0.59
N LYS A 79 -6.75 -11.29 0.23
CA LYS A 79 -6.19 -11.92 1.42
C LYS A 79 -7.32 -12.67 2.13
N ALA A 80 -8.38 -11.93 2.49
CA ALA A 80 -9.54 -12.47 3.22
C ALA A 80 -10.18 -13.75 2.68
N LEU A 81 -10.64 -13.72 1.44
CA LEU A 81 -11.26 -14.88 0.84
C LEU A 81 -10.52 -16.20 1.19
N ASN A 82 -9.22 -16.10 1.49
CA ASN A 82 -8.42 -17.28 1.86
C ASN A 82 -8.63 -17.66 3.33
N ARG A 83 -8.72 -16.65 4.18
CA ARG A 83 -8.94 -16.88 5.60
C ARG A 83 -10.41 -17.10 5.94
N ASN A 84 -11.32 -16.46 5.20
CA ASN A 84 -12.75 -16.59 5.43
C ASN A 84 -13.41 -17.59 4.47
N SER A 85 -12.58 -18.47 3.89
CA SER A 85 -13.07 -19.47 2.94
C SER A 85 -12.14 -20.68 2.77
N ASP A 86 -12.56 -21.62 1.94
CA ASP A 86 -11.80 -22.83 1.67
C ASP A 86 -10.90 -22.75 0.44
N ARG A 87 -10.11 -21.67 0.37
CA ARG A 87 -9.20 -21.47 -0.73
C ARG A 87 -7.86 -20.87 -0.29
N SER A 88 -6.84 -21.06 -1.12
CA SER A 88 -5.46 -20.58 -0.88
C SER A 88 -4.85 -20.10 -2.22
N ILE A 89 -3.98 -19.10 -2.18
CA ILE A 89 -3.36 -18.59 -3.41
C ILE A 89 -2.11 -17.79 -3.06
N PRO A 90 -1.10 -18.44 -2.44
CA PRO A 90 0.10 -17.68 -2.10
C PRO A 90 0.35 -16.47 -3.03
N MET A 91 0.84 -15.39 -2.45
CA MET A 91 1.07 -14.18 -3.23
C MET A 91 2.44 -13.55 -3.13
N THR A 92 2.77 -12.75 -4.14
CA THR A 92 4.01 -12.00 -4.17
C THR A 92 3.51 -10.62 -4.59
N VAL A 93 4.14 -9.58 -4.09
CA VAL A 93 3.70 -8.23 -4.42
C VAL A 93 4.86 -7.33 -4.76
N ASP A 94 4.90 -6.89 -6.00
CA ASP A 94 5.98 -6.03 -6.46
C ASP A 94 5.40 -4.64 -6.62
N PHE A 95 6.23 -3.61 -6.49
CA PHE A 95 5.78 -2.24 -6.62
C PHE A 95 6.48 -1.54 -7.77
N ILE A 96 5.94 -1.74 -8.98
CA ILE A 96 6.25 -1.24 -10.32
C ILE A 96 5.99 0.28 -10.46
N ARG A 97 6.53 0.92 -11.49
CA ARG A 97 6.33 2.36 -11.70
C ARG A 97 5.85 2.59 -13.11
N LEU A 98 6.71 2.34 -14.08
CA LEU A 98 6.41 2.88 -15.38
C LEU A 98 5.95 4.32 -15.24
N GLY A 99 6.52 5.04 -14.32
CA GLY A 99 5.94 6.23 -13.68
C GLY A 99 5.23 7.06 -14.75
N SER A 100 4.31 7.88 -14.27
CA SER A 100 3.30 8.52 -15.14
C SER A 100 3.69 9.97 -15.46
N TYR A 101 2.76 10.93 -15.63
CA TYR A 101 2.79 12.35 -15.94
C TYR A 101 1.99 13.17 -14.91
N CYS A 102 0.75 12.75 -14.65
CA CYS A 102 -0.08 13.43 -13.67
C CYS A 102 -0.28 14.92 -13.98
N ASN A 103 -1.34 15.11 -14.98
CA ASN A 103 -1.56 16.49 -15.52
C ASN A 103 -2.80 16.48 -16.43
N ASP A 104 -2.82 17.54 -17.19
CA ASP A 104 -3.95 17.79 -18.16
C ASP A 104 -3.33 18.07 -19.52
N GLN A 105 -4.16 17.92 -20.53
CA GLN A 105 -3.80 18.13 -21.93
C GLN A 105 -2.92 17.01 -22.44
N SER A 106 -2.00 17.13 -23.33
CA SER A 106 -1.32 16.59 -24.54
C SER A 106 -0.31 15.51 -24.11
N THR A 107 -0.20 14.48 -24.91
CA THR A 107 0.47 13.23 -24.50
C THR A 107 1.57 12.84 -25.48
N GLY A 108 2.22 11.71 -25.21
CA GLY A 108 3.27 11.23 -26.09
C GLY A 108 4.60 10.85 -25.47
N ASP A 109 4.65 10.56 -24.17
CA ASP A 109 5.93 10.21 -23.55
C ASP A 109 5.84 9.17 -22.45
N ILE A 110 6.93 8.40 -22.30
CA ILE A 110 7.01 7.37 -21.27
C ILE A 110 8.46 7.12 -20.82
N LYS A 111 8.74 7.48 -19.58
CA LYS A 111 10.04 7.32 -18.98
C LYS A 111 9.92 6.80 -17.55
N VAL A 112 10.30 5.54 -17.36
CA VAL A 112 10.28 4.82 -16.08
C VAL A 112 11.12 5.51 -14.98
N ILE A 113 10.47 5.85 -13.87
CA ILE A 113 11.16 6.52 -12.77
C ILE A 113 11.46 5.59 -11.59
N GLY A 114 11.60 4.29 -11.85
CA GLY A 114 11.90 3.33 -10.81
C GLY A 114 10.96 2.14 -10.83
N GLY A 115 11.21 1.13 -9.99
CA GLY A 115 10.34 -0.03 -9.95
C GLY A 115 10.60 -0.97 -11.11
N ASP A 116 11.65 -0.67 -11.86
CA ASP A 116 12.05 -1.46 -13.03
C ASP A 116 12.70 -2.77 -12.59
N ASP A 117 12.10 -3.90 -12.94
CA ASP A 117 12.64 -5.19 -12.52
C ASP A 117 11.92 -6.45 -13.06
N LEU A 118 11.12 -6.28 -14.10
CA LEU A 118 10.34 -7.37 -14.70
C LEU A 118 11.04 -8.69 -15.02
N SER A 119 12.13 -9.00 -14.33
CA SER A 119 12.83 -10.24 -14.65
C SER A 119 12.37 -11.44 -13.83
N THR A 120 11.17 -11.36 -13.25
CA THR A 120 10.70 -12.45 -12.38
C THR A 120 9.31 -13.08 -12.54
N LEU A 121 8.34 -12.32 -13.05
CA LEU A 121 6.98 -12.83 -13.22
C LEU A 121 6.95 -13.89 -14.32
N THR A 122 7.72 -14.96 -14.14
CA THR A 122 7.81 -16.05 -15.12
C THR A 122 6.83 -17.16 -14.76
N GLY A 123 6.41 -17.94 -15.76
CA GLY A 123 5.49 -19.03 -15.54
C GLY A 123 4.46 -18.74 -14.45
N LYS A 124 4.13 -17.48 -14.25
CA LYS A 124 3.15 -17.14 -13.22
C LYS A 124 2.05 -16.18 -13.68
N ASN A 125 0.85 -16.37 -13.14
CA ASN A 125 -0.28 -15.50 -13.44
C ASN A 125 0.04 -14.21 -12.68
N VAL A 126 0.51 -13.21 -13.41
CA VAL A 126 0.86 -11.93 -12.81
C VAL A 126 -0.39 -11.24 -12.27
N LEU A 127 -0.24 -9.98 -11.92
CA LEU A 127 -1.33 -9.20 -11.36
C LEU A 127 -0.92 -7.73 -11.52
N ILE A 128 -1.65 -6.99 -12.35
CA ILE A 128 -1.34 -5.59 -12.58
C ILE A 128 -2.51 -4.74 -12.12
N VAL A 129 -2.26 -3.72 -11.33
CA VAL A 129 -3.35 -2.89 -10.83
C VAL A 129 -3.17 -1.40 -11.14
N GLU A 130 -4.11 -0.81 -11.86
CA GLU A 130 -4.02 0.62 -12.16
C GLU A 130 -5.16 1.30 -11.46
N ASP A 131 -4.87 2.41 -10.77
CA ASP A 131 -5.90 3.16 -10.06
C ASP A 131 -6.93 3.69 -11.05
N ILE A 132 -6.49 3.89 -12.29
CA ILE A 132 -7.33 4.42 -13.35
C ILE A 132 -6.72 4.27 -14.73
N ILE A 133 -7.46 3.66 -15.66
CA ILE A 133 -7.00 3.52 -17.05
C ILE A 133 -7.54 4.77 -17.76
N ASP A 134 -6.66 5.54 -18.37
CA ASP A 134 -7.03 6.78 -19.05
C ASP A 134 -6.85 6.68 -20.56
N THR A 135 -5.61 6.89 -21.04
CA THR A 135 -5.31 6.85 -22.47
C THR A 135 -4.85 5.48 -22.93
N GLY A 136 -4.06 4.81 -22.08
CA GLY A 136 -3.57 3.48 -22.40
C GLY A 136 -2.06 3.38 -22.63
N LYS A 137 -1.43 4.53 -22.85
CA LYS A 137 0.00 4.61 -23.10
C LYS A 137 0.87 3.79 -22.13
N THR A 138 0.52 3.83 -20.83
CA THR A 138 1.27 3.10 -19.83
C THR A 138 0.95 1.62 -19.87
N MET A 139 -0.22 1.25 -19.39
CA MET A 139 -0.61 -0.14 -19.37
C MET A 139 -0.17 -0.82 -20.67
N GLN A 140 -0.40 -0.16 -21.80
CA GLN A 140 0.00 -0.70 -23.09
C GLN A 140 1.45 -1.13 -23.00
N THR A 141 2.32 -0.15 -22.81
CA THR A 141 3.76 -0.35 -22.70
C THR A 141 4.01 -1.54 -21.80
N LEU A 142 3.72 -1.35 -20.51
CA LEU A 142 3.92 -2.38 -19.49
C LEU A 142 3.28 -3.71 -19.87
N LEU A 143 2.04 -3.69 -20.32
CA LEU A 143 1.37 -4.93 -20.72
C LEU A 143 2.22 -5.47 -21.83
N SER A 144 2.64 -4.59 -22.74
CA SER A 144 3.48 -5.01 -23.85
C SER A 144 4.91 -5.20 -23.36
N LEU A 145 5.06 -5.89 -22.23
CA LEU A 145 6.37 -6.11 -21.62
C LEU A 145 6.38 -7.38 -20.77
N VAL A 146 5.54 -7.39 -19.75
CA VAL A 146 5.46 -8.53 -18.86
C VAL A 146 5.28 -9.79 -19.68
N ARG A 147 4.51 -9.68 -20.77
CA ARG A 147 4.26 -10.82 -21.65
C ARG A 147 5.56 -11.37 -22.20
N GLN A 148 6.58 -10.51 -22.22
CA GLN A 148 7.89 -10.90 -22.72
C GLN A 148 8.55 -11.96 -21.84
N TYR A 149 8.83 -11.66 -20.57
CA TYR A 149 9.46 -12.67 -19.72
C TYR A 149 8.69 -13.98 -19.72
N ASN A 150 7.46 -13.93 -20.23
CA ASN A 150 6.64 -15.13 -20.35
C ASN A 150 5.95 -15.69 -19.11
N PRO A 151 5.18 -14.85 -18.40
CA PRO A 151 4.45 -15.21 -17.18
C PRO A 151 3.35 -16.21 -17.54
N LYS A 152 2.95 -17.04 -16.57
CA LYS A 152 1.93 -18.04 -16.87
C LYS A 152 0.61 -17.48 -17.37
N MET A 153 0.24 -16.30 -16.86
CA MET A 153 -1.03 -15.66 -17.25
C MET A 153 -1.09 -14.18 -16.86
N VAL A 154 -1.79 -13.39 -17.65
CA VAL A 154 -1.92 -11.95 -17.38
C VAL A 154 -3.37 -11.50 -17.32
N LYS A 155 -3.73 -10.85 -16.21
CA LYS A 155 -5.08 -10.35 -16.04
C LYS A 155 -5.02 -8.93 -15.52
N VAL A 156 -5.87 -8.07 -16.06
CA VAL A 156 -5.90 -6.66 -15.69
C VAL A 156 -6.73 -6.31 -14.44
N ALA A 157 -6.62 -5.05 -14.03
CA ALA A 157 -7.33 -4.51 -12.88
C ALA A 157 -7.39 -2.99 -13.02
N SER A 158 -8.56 -2.41 -12.84
CA SER A 158 -8.71 -0.97 -12.94
C SER A 158 -9.91 -0.58 -12.14
N LEU A 159 -9.71 0.29 -11.16
CA LEU A 159 -10.81 0.72 -10.34
C LEU A 159 -11.74 1.51 -11.23
N LEU A 160 -11.15 2.45 -11.97
CA LEU A 160 -11.88 3.32 -12.88
C LEU A 160 -11.36 3.32 -14.31
N VAL A 161 -12.21 2.96 -15.27
CA VAL A 161 -11.82 2.97 -16.67
C VAL A 161 -12.37 4.30 -17.17
N LYS A 162 -11.51 5.16 -17.68
CA LYS A 162 -11.97 6.47 -18.15
C LYS A 162 -12.28 6.54 -19.63
N ARG A 163 -13.55 6.32 -19.98
CA ARG A 163 -14.03 6.36 -21.36
C ARG A 163 -13.75 7.75 -21.93
N THR A 164 -13.11 7.78 -23.10
CA THR A 164 -12.77 9.06 -23.73
C THR A 164 -12.64 8.92 -25.23
N PRO A 165 -12.72 10.04 -25.96
CA PRO A 165 -12.59 9.93 -27.42
C PRO A 165 -11.15 9.53 -27.65
N ARG A 166 -10.25 10.21 -26.95
CA ARG A 166 -8.81 9.95 -27.04
C ARG A 166 -8.45 8.77 -26.15
N SER A 167 -8.52 7.55 -26.70
CA SER A 167 -8.19 6.37 -25.92
C SER A 167 -7.60 5.21 -26.71
N VAL A 168 -6.61 4.57 -26.12
CA VAL A 168 -5.91 3.43 -26.71
C VAL A 168 -6.82 2.37 -27.33
N GLY A 169 -7.99 2.17 -26.72
CA GLY A 169 -8.94 1.17 -27.22
C GLY A 169 -9.04 -0.06 -26.33
N TYR A 170 -7.99 -0.29 -25.54
CA TYR A 170 -7.92 -1.45 -24.64
C TYR A 170 -9.08 -1.63 -23.63
N LYS A 171 -9.18 -2.84 -23.07
CA LYS A 171 -10.23 -3.18 -22.11
C LYS A 171 -9.67 -4.06 -21.00
N PRO A 172 -9.47 -3.50 -19.81
CA PRO A 172 -8.94 -4.29 -18.69
C PRO A 172 -9.77 -5.57 -18.53
N ASP A 173 -9.19 -6.60 -17.91
CA ASP A 173 -9.89 -7.87 -17.73
C ASP A 173 -10.89 -7.87 -16.54
N PHE A 174 -10.70 -6.93 -15.62
CA PHE A 174 -11.57 -6.80 -14.45
C PHE A 174 -11.71 -5.33 -14.14
N VAL A 175 -12.82 -4.79 -14.61
CA VAL A 175 -13.12 -3.39 -14.44
C VAL A 175 -14.13 -3.23 -13.32
N GLY A 176 -14.02 -2.14 -12.57
CA GLY A 176 -14.97 -1.88 -11.52
C GLY A 176 -15.98 -0.90 -12.10
N PHE A 177 -15.47 0.23 -12.56
CA PHE A 177 -16.29 1.28 -13.16
C PHE A 177 -15.78 1.62 -14.56
N GLU A 178 -16.40 2.59 -15.19
CA GLU A 178 -16.00 3.04 -16.50
C GLU A 178 -16.48 4.46 -16.55
N ILE A 179 -15.76 5.33 -15.84
CA ILE A 179 -16.12 6.75 -15.74
C ILE A 179 -15.81 7.60 -16.96
N PRO A 180 -16.69 8.57 -17.24
CA PRO A 180 -16.57 9.49 -18.37
C PRO A 180 -15.24 10.20 -18.43
N ASP A 181 -15.22 11.38 -19.02
CA ASP A 181 -13.98 12.14 -19.15
C ASP A 181 -14.01 13.45 -18.36
N LYS A 182 -13.75 13.35 -17.06
CA LYS A 182 -13.70 14.50 -16.19
C LYS A 182 -12.43 14.30 -15.33
N PHE A 183 -11.98 15.34 -14.64
CA PHE A 183 -10.79 15.18 -13.79
C PHE A 183 -11.29 14.80 -12.38
N VAL A 184 -11.39 13.49 -12.12
CA VAL A 184 -11.87 12.99 -10.82
C VAL A 184 -10.74 12.87 -9.82
N VAL A 185 -11.02 13.23 -8.57
CA VAL A 185 -10.01 13.17 -7.53
C VAL A 185 -10.60 12.59 -6.26
N GLY A 186 -9.83 11.73 -5.59
CA GLY A 186 -10.31 11.13 -4.36
C GLY A 186 -10.23 9.61 -4.47
N TYR A 187 -9.65 9.03 -3.42
CA TYR A 187 -9.53 7.58 -3.28
C TYR A 187 -8.59 7.02 -4.36
N ALA A 188 -7.37 7.48 -4.02
CA ALA A 188 -6.38 6.90 -4.95
C ALA A 188 -6.47 7.53 -6.36
N LEU A 189 -6.89 8.77 -6.37
CA LEU A 189 -6.65 9.72 -7.49
C LEU A 189 -6.35 11.11 -6.91
N ASP A 190 -5.29 11.74 -7.42
CA ASP A 190 -4.76 13.02 -6.86
C ASP A 190 -4.37 13.99 -7.97
N TYR A 191 -3.99 15.16 -7.54
CA TYR A 191 -3.73 16.38 -8.32
C TYR A 191 -2.55 17.09 -7.66
N ASN A 192 -1.38 17.04 -8.31
CA ASN A 192 -0.16 17.64 -7.78
C ASN A 192 -0.15 17.63 -6.25
N GLU A 193 0.15 16.45 -5.72
CA GLU A 193 0.21 16.21 -4.29
C GLU A 193 -0.93 16.82 -3.47
N TYR A 194 -2.14 16.74 -4.01
CA TYR A 194 -3.34 17.25 -3.34
C TYR A 194 -4.55 16.32 -3.55
N PHE A 195 -5.63 16.61 -2.85
CA PHE A 195 -6.82 15.79 -2.94
C PHE A 195 -6.40 14.31 -2.83
N ARG A 196 -6.17 13.84 -1.60
CA ARG A 196 -5.77 12.45 -1.39
C ARG A 196 -6.41 11.98 -0.11
N ASP A 197 -6.60 12.92 0.79
CA ASP A 197 -7.23 12.61 2.05
C ASP A 197 -8.72 12.77 1.79
N LEU A 198 -9.15 12.30 0.62
CA LEU A 198 -10.55 12.37 0.23
C LEU A 198 -10.98 11.00 -0.24
N ASN A 199 -11.80 10.34 0.57
CA ASN A 199 -12.30 9.00 0.26
C ASN A 199 -13.20 9.02 -0.98
N HIS A 200 -13.85 10.15 -1.22
CA HIS A 200 -14.77 10.27 -2.32
C HIS A 200 -14.16 10.76 -3.64
N VAL A 201 -14.21 9.90 -4.64
CA VAL A 201 -13.67 10.22 -5.95
C VAL A 201 -14.45 11.33 -6.62
N CYS A 202 -14.68 12.40 -5.89
CA CYS A 202 -15.41 13.53 -6.44
C CYS A 202 -14.67 14.14 -7.64
N VAL A 203 -15.24 15.21 -8.18
CA VAL A 203 -14.67 15.91 -9.34
C VAL A 203 -14.07 17.23 -8.88
N ILE A 204 -13.10 17.73 -9.62
CA ILE A 204 -12.48 19.00 -9.26
C ILE A 204 -13.22 20.14 -9.91
N SER A 205 -13.64 21.10 -9.09
CA SER A 205 -14.39 22.27 -9.52
C SER A 205 -13.63 23.19 -10.45
N GLU A 206 -14.36 24.09 -11.12
CA GLU A 206 -13.73 25.04 -12.04
C GLU A 206 -13.16 26.19 -11.21
N THR A 207 -12.60 25.83 -10.06
CA THR A 207 -11.97 26.77 -9.14
C THR A 207 -10.70 26.09 -8.64
N GLY A 208 -10.86 25.17 -7.70
CA GLY A 208 -9.72 24.46 -7.16
C GLY A 208 -8.90 23.86 -8.29
N LYS A 209 -9.48 23.87 -9.48
CA LYS A 209 -8.83 23.34 -10.67
C LYS A 209 -7.65 24.25 -10.98
N ALA A 210 -7.88 25.54 -10.81
CA ALA A 210 -6.87 26.55 -11.06
C ALA A 210 -6.22 26.97 -9.75
N LYS A 211 -6.56 26.25 -8.69
CA LYS A 211 -5.99 26.53 -7.38
C LYS A 211 -4.61 25.87 -7.27
N TYR A 212 -4.25 25.07 -8.27
CA TYR A 212 -2.96 24.40 -8.28
C TYR A 212 -2.48 24.14 -9.72
N LYS A 213 -2.75 25.09 -10.62
CA LYS A 213 -2.38 24.97 -12.05
C LYS A 213 -0.91 24.61 -12.27
N ALA A 214 -0.69 23.61 -13.11
CA ALA A 214 0.65 23.13 -13.44
C ALA A 214 1.44 24.16 -14.25
N SER B 1 10.76 7.54 25.00
CA SER B 1 9.32 7.26 24.70
C SER B 1 9.11 5.84 24.14
N PRO B 2 9.21 4.82 25.03
CA PRO B 2 9.05 3.39 24.69
C PRO B 2 7.77 3.04 23.93
N GLY B 3 7.37 1.77 24.01
CA GLY B 3 6.18 1.34 23.32
C GLY B 3 5.46 0.23 24.06
N VAL B 4 4.68 -0.55 23.34
CA VAL B 4 3.93 -1.64 23.97
C VAL B 4 4.90 -2.67 24.54
N VAL B 5 5.39 -2.37 25.73
CA VAL B 5 6.33 -3.23 26.44
C VAL B 5 5.88 -4.68 26.44
N ILE B 6 6.70 -5.56 25.89
CA ILE B 6 6.37 -6.96 25.88
C ILE B 6 7.56 -7.80 26.32
N SER B 7 7.55 -8.14 27.61
CA SER B 7 8.62 -8.91 28.24
C SER B 7 8.91 -10.24 27.54
N ASP B 8 10.07 -10.82 27.86
CA ASP B 8 10.49 -12.10 27.30
C ASP B 8 9.52 -13.20 27.73
N ASP B 9 8.42 -12.82 28.40
CA ASP B 9 7.50 -13.82 28.91
C ASP B 9 6.02 -13.85 28.50
N GLU B 10 5.45 -12.72 28.09
CA GLU B 10 4.04 -12.67 27.69
C GLU B 10 3.60 -13.98 27.05
N PRO B 11 2.94 -14.85 27.82
CA PRO B 11 2.46 -16.16 27.38
C PRO B 11 1.81 -16.22 26.00
N GLY B 12 1.19 -15.10 25.62
CA GLY B 12 0.51 -15.05 24.34
C GLY B 12 -0.93 -15.45 24.54
N TYR B 13 -1.51 -16.10 23.54
CA TYR B 13 -2.89 -16.55 23.62
C TYR B 13 -3.02 -17.81 22.75
N ASP B 14 -4.06 -18.60 22.97
CA ASP B 14 -4.26 -19.79 22.17
C ASP B 14 -4.67 -19.37 20.78
N LEU B 15 -4.33 -20.17 19.79
CA LEU B 15 -4.67 -19.86 18.41
C LEU B 15 -6.08 -20.32 18.10
N ASP B 16 -6.90 -20.53 19.13
CA ASP B 16 -8.28 -20.96 18.88
C ASP B 16 -9.27 -20.12 19.63
N LEU B 17 -8.90 -18.86 19.79
CA LEU B 17 -9.73 -17.87 20.45
C LEU B 17 -9.88 -16.81 19.38
N PHE B 18 -9.39 -17.13 18.18
CA PHE B 18 -9.47 -16.22 17.05
C PHE B 18 -9.77 -16.97 15.75
N CYS B 19 -9.81 -16.25 14.63
CA CYS B 19 -10.12 -16.86 13.35
C CYS B 19 -8.91 -17.14 12.47
N ILE B 20 -7.94 -17.86 13.00
CA ILE B 20 -6.77 -18.21 12.21
C ILE B 20 -7.26 -19.18 11.16
N PRO B 21 -6.65 -19.19 9.97
CA PRO B 21 -7.08 -20.12 8.91
C PRO B 21 -6.53 -21.55 9.06
N ASN B 22 -7.40 -22.55 8.94
CA ASN B 22 -6.97 -23.94 9.09
C ASN B 22 -5.60 -24.21 8.47
N HIS B 23 -5.46 -23.92 7.18
CA HIS B 23 -4.21 -24.15 6.50
C HIS B 23 -3.05 -23.31 7.06
N TYR B 24 -3.17 -22.92 8.32
CA TYR B 24 -2.16 -22.15 9.02
C TYR B 24 -2.29 -22.56 10.47
N ALA B 25 -2.93 -23.71 10.68
CA ALA B 25 -3.14 -24.23 12.00
C ALA B 25 -1.87 -24.94 12.48
N GLU B 26 -1.44 -25.94 11.72
CA GLU B 26 -0.23 -26.69 12.06
C GLU B 26 0.92 -25.73 12.37
N ASP B 27 1.29 -24.98 11.33
CA ASP B 27 2.40 -24.04 11.42
C ASP B 27 2.30 -22.93 12.44
N LEU B 28 1.30 -22.96 13.31
CA LEU B 28 1.18 -21.89 14.30
C LEU B 28 1.12 -22.35 15.77
N GLU B 29 1.81 -21.62 16.65
CA GLU B 29 1.86 -21.96 18.07
C GLU B 29 1.01 -21.10 19.00
N ARG B 30 1.22 -19.79 19.00
CA ARG B 30 0.47 -18.92 19.89
C ARG B 30 0.30 -17.49 19.37
N VAL B 31 -0.94 -17.03 19.27
CA VAL B 31 -1.23 -15.67 18.82
C VAL B 31 -0.46 -14.66 19.65
N PHE B 32 -0.08 -13.56 19.02
CA PHE B 32 0.68 -12.54 19.72
C PHE B 32 0.00 -11.19 19.75
N ILE B 33 -0.02 -10.50 18.61
CA ILE B 33 -0.66 -9.20 18.57
C ILE B 33 -1.96 -9.22 17.78
N PRO B 34 -3.08 -9.52 18.45
CA PRO B 34 -4.38 -9.56 17.78
C PRO B 34 -4.51 -8.45 16.73
N HIS B 35 -5.11 -8.80 15.58
CA HIS B 35 -5.27 -7.85 14.50
C HIS B 35 -5.97 -6.57 14.89
N GLY B 36 -7.05 -6.70 15.65
CA GLY B 36 -7.75 -5.50 16.08
C GLY B 36 -6.87 -4.78 17.07
N LEU B 37 -5.86 -5.49 17.58
CA LEU B 37 -4.96 -4.91 18.56
C LEU B 37 -4.04 -3.92 17.89
N ILE B 38 -3.39 -4.36 16.83
CA ILE B 38 -2.47 -3.49 16.10
C ILE B 38 -3.17 -2.20 15.69
N MET B 39 -4.22 -2.34 14.87
CA MET B 39 -5.00 -1.20 14.37
C MET B 39 -5.08 -0.07 15.38
N ASP B 40 -5.53 -0.39 16.59
CA ASP B 40 -5.67 0.65 17.59
C ASP B 40 -4.38 1.43 17.85
N ARG B 41 -3.25 0.72 17.85
CA ARG B 41 -1.95 1.36 18.09
C ARG B 41 -1.72 2.45 17.05
N THR B 42 -1.79 2.03 15.80
CA THR B 42 -1.62 2.95 14.69
C THR B 42 -2.76 3.94 14.84
N GLU B 43 -3.96 3.41 15.08
CA GLU B 43 -5.14 4.25 15.23
C GLU B 43 -4.84 5.43 16.12
N ARG B 44 -3.77 5.33 16.88
CA ARG B 44 -3.37 6.39 17.80
C ARG B 44 -2.00 6.90 17.42
N LEU B 45 -1.11 5.97 17.08
CA LEU B 45 0.26 6.27 16.70
C LEU B 45 0.33 7.31 15.59
N ALA B 46 -0.75 7.44 14.83
CA ALA B 46 -0.80 8.42 13.76
C ALA B 46 -1.07 9.79 14.39
N ARG B 47 -1.62 9.78 15.60
CA ARG B 47 -1.90 11.02 16.29
C ARG B 47 -0.69 11.50 17.07
N ASP B 48 0.49 11.13 16.57
CA ASP B 48 1.75 11.57 17.19
C ASP B 48 2.54 12.19 16.04
N VAL B 49 2.60 11.43 14.96
CA VAL B 49 3.26 11.84 13.75
C VAL B 49 2.47 13.04 13.21
N MET B 50 1.72 13.69 14.09
CA MET B 50 0.94 14.85 13.71
C MET B 50 1.11 15.98 14.73
N LYS B 51 1.59 15.64 15.92
CA LYS B 51 1.79 16.67 16.96
C LYS B 51 3.12 17.39 16.79
N GLU B 52 4.00 16.84 15.94
CA GLU B 52 5.29 17.48 15.69
C GLU B 52 5.33 17.90 14.22
N MET B 53 5.16 16.92 13.33
CA MET B 53 5.16 17.11 11.87
C MET B 53 3.91 17.76 11.31
N GLY B 54 2.90 17.91 12.15
CA GLY B 54 1.65 18.50 11.71
C GLY B 54 1.70 19.67 10.73
N GLY B 55 2.12 20.82 11.23
CA GLY B 55 2.18 22.02 10.41
C GLY B 55 3.32 22.12 9.41
N HIS B 56 3.44 21.12 8.55
CA HIS B 56 4.49 21.10 7.53
C HIS B 56 4.13 20.16 6.39
N HIS B 57 4.45 20.57 5.17
CA HIS B 57 4.17 19.73 4.02
C HIS B 57 4.98 18.46 4.22
N ILE B 58 4.32 17.38 4.63
CA ILE B 58 4.98 16.12 4.90
C ILE B 58 5.17 15.13 3.72
N VAL B 59 6.19 14.29 3.84
CA VAL B 59 6.52 13.29 2.85
C VAL B 59 6.63 11.91 3.48
N ALA B 60 5.82 10.99 2.98
CA ALA B 60 5.83 9.65 3.50
C ALA B 60 6.64 8.79 2.55
N LEU B 61 7.47 7.93 3.12
CA LEU B 61 8.30 7.02 2.33
C LEU B 61 8.32 5.65 2.98
N CYS B 62 8.10 4.63 2.17
CA CYS B 62 8.04 3.27 2.66
C CYS B 62 9.11 2.32 2.19
N VAL B 63 9.59 1.51 3.13
CA VAL B 63 10.62 0.53 2.83
C VAL B 63 9.87 -0.71 2.40
N LEU B 64 10.22 -1.26 1.25
CA LEU B 64 9.50 -2.42 0.76
C LEU B 64 10.19 -3.77 1.03
N ALA B 65 9.94 -4.73 0.15
CA ALA B 65 10.47 -6.11 0.23
C ALA B 65 9.37 -6.95 0.87
N GLY B 66 8.26 -6.28 1.19
CA GLY B 66 7.12 -6.92 1.82
C GLY B 66 6.81 -6.15 3.08
N GLY B 67 6.34 -4.92 2.93
CA GLY B 67 6.00 -4.10 4.09
C GLY B 67 4.82 -3.18 3.83
N TYR B 68 4.09 -3.47 2.75
CA TYR B 68 2.95 -2.66 2.33
C TYR B 68 1.87 -2.41 3.36
N LYS B 69 1.26 -3.47 3.85
CA LYS B 69 0.17 -3.35 4.80
C LYS B 69 0.40 -2.27 5.83
N PHE B 70 1.16 -2.58 6.87
CA PHE B 70 1.41 -1.60 7.93
C PHE B 70 1.63 -0.22 7.38
N PHE B 71 2.15 -0.15 6.15
CA PHE B 71 2.41 1.11 5.49
C PHE B 71 1.08 1.77 5.11
N ALA B 72 0.24 1.01 4.40
CA ALA B 72 -1.05 1.52 3.99
C ALA B 72 -1.76 2.08 5.20
N ASP B 73 -2.49 1.22 5.90
CA ASP B 73 -3.23 1.61 7.09
C ASP B 73 -2.74 2.91 7.71
N LEU B 74 -1.59 2.90 8.38
CA LEU B 74 -1.10 4.12 9.02
C LEU B 74 -1.36 5.35 8.19
N LEU B 75 -1.16 5.20 6.89
CA LEU B 75 -1.38 6.28 5.95
C LEU B 75 -2.86 6.60 5.85
N ASP B 76 -3.66 5.54 5.81
CA ASP B 76 -5.10 5.71 5.75
C ASP B 76 -5.55 6.37 7.02
N TYR B 77 -4.80 6.10 8.10
CA TYR B 77 -5.10 6.65 9.42
C TYR B 77 -4.59 8.06 9.61
N ILE B 78 -4.12 8.67 8.52
CA ILE B 78 -3.62 10.02 8.58
C ILE B 78 -4.50 10.85 7.67
N LYS B 79 -4.80 10.31 6.49
CA LYS B 79 -5.68 10.97 5.52
C LYS B 79 -6.86 11.51 6.32
N ALA B 80 -7.47 10.62 7.09
CA ALA B 80 -8.61 10.98 7.93
C ALA B 80 -8.25 12.10 8.88
N LEU B 81 -7.18 11.92 9.65
CA LEU B 81 -6.76 12.93 10.60
C LEU B 81 -6.56 14.28 9.96
N ASN B 82 -6.58 14.33 8.62
CA ASN B 82 -6.41 15.61 7.93
C ASN B 82 -7.75 16.31 7.96
N ARG B 83 -8.72 15.64 7.35
CA ARG B 83 -10.05 16.17 7.25
C ARG B 83 -10.73 16.39 8.62
N ASN B 84 -10.92 15.31 9.38
CA ASN B 84 -11.58 15.35 10.70
C ASN B 84 -10.97 16.22 11.79
N SER B 85 -10.22 17.26 11.38
CA SER B 85 -9.60 18.20 12.30
C SER B 85 -9.14 19.47 11.62
N ASP B 86 -8.76 20.45 12.45
CA ASP B 86 -8.30 21.76 12.00
C ASP B 86 -6.88 21.82 11.44
N ARG B 87 -5.98 21.00 11.99
CA ARG B 87 -4.60 21.00 11.52
C ARG B 87 -4.38 20.12 10.28
N SER B 88 -4.15 20.80 9.16
CA SER B 88 -3.94 20.17 7.86
C SER B 88 -2.74 19.22 7.79
N ILE B 89 -2.74 18.38 6.75
CA ILE B 89 -1.68 17.40 6.52
C ILE B 89 -1.45 17.10 5.00
N PRO B 90 -1.25 18.16 4.18
CA PRO B 90 -1.01 17.98 2.72
C PRO B 90 0.19 17.08 2.54
N MET B 91 0.10 16.09 1.65
CA MET B 91 1.21 15.15 1.48
C MET B 91 1.50 14.58 0.09
N THR B 92 2.70 14.05 -0.03
CA THR B 92 3.18 13.43 -1.24
C THR B 92 3.77 12.10 -0.79
N VAL B 93 3.33 11.02 -1.45
CA VAL B 93 3.80 9.68 -1.12
C VAL B 93 5.30 9.53 -1.38
N ASP B 94 5.86 8.37 -1.24
CA ASP B 94 7.17 7.94 -1.71
C ASP B 94 7.21 6.41 -1.46
N PHE B 95 8.07 5.76 -2.23
CA PHE B 95 8.27 4.30 -2.10
C PHE B 95 9.75 3.99 -2.42
N ILE B 96 10.14 2.76 -2.07
CA ILE B 96 11.56 2.35 -2.06
C ILE B 96 11.73 0.89 -1.62
N ARG B 97 12.64 0.17 -2.28
CA ARG B 97 12.91 -1.25 -1.99
C ARG B 97 13.87 -1.60 -0.83
N LEU B 98 15.12 -1.15 -0.91
CA LEU B 98 16.12 -1.43 0.12
C LEU B 98 16.27 -2.92 0.46
N GLY B 99 15.67 -3.79 -0.35
CA GLY B 99 15.75 -5.23 -0.14
C GLY B 99 15.60 -5.73 1.31
N SER B 100 16.16 -6.92 1.57
CA SER B 100 16.14 -7.56 2.90
C SER B 100 16.62 -9.02 2.88
N TYR B 101 17.30 -9.42 3.96
CA TYR B 101 17.79 -10.80 4.11
C TYR B 101 16.62 -11.74 4.37
N CYS B 102 15.55 -11.44 3.66
CA CYS B 102 14.25 -12.12 3.82
C CYS B 102 14.45 -13.59 4.22
N ASN B 103 14.76 -14.26 4.92
CA ASN B 103 14.57 -15.44 5.69
C ASN B 103 14.39 -15.22 7.19
N ASP B 104 14.67 -16.33 7.83
CA ASP B 104 14.59 -16.58 9.25
C ASP B 104 15.81 -16.74 10.03
N GLN B 105 16.89 -17.22 9.42
CA GLN B 105 18.13 -17.41 10.23
C GLN B 105 18.69 -16.04 10.62
N SER B 106 19.60 -16.02 11.38
CA SER B 106 20.11 -14.93 12.25
C SER B 106 20.81 -13.88 11.38
N THR B 107 21.12 -12.78 11.58
CA THR B 107 21.17 -11.51 10.85
C THR B 107 22.58 -10.94 10.67
N GLY B 108 22.94 -10.56 9.44
CA GLY B 108 24.27 -10.00 9.22
C GLY B 108 24.64 -9.58 7.79
N ASP B 109 23.93 -8.59 7.24
CA ASP B 109 24.19 -8.08 5.90
C ASP B 109 23.18 -7.04 5.43
N ILE B 110 23.61 -6.17 4.52
CA ILE B 110 22.73 -5.13 3.99
C ILE B 110 22.76 -5.12 2.46
N LYS B 111 21.91 -5.94 1.85
CA LYS B 111 21.86 -6.02 0.38
C LYS B 111 20.72 -5.18 -0.23
N VAL B 112 21.07 -4.09 -0.89
CA VAL B 112 20.06 -3.24 -1.53
C VAL B 112 19.57 -3.94 -2.79
N ILE B 113 18.29 -3.75 -3.14
CA ILE B 113 17.73 -4.36 -4.35
C ILE B 113 16.62 -3.49 -4.99
N GLY B 114 16.76 -2.16 -4.91
CA GLY B 114 15.78 -1.29 -5.54
C GLY B 114 15.25 -0.11 -4.72
N GLY B 115 14.51 0.79 -5.39
CA GLY B 115 13.94 1.96 -4.73
C GLY B 115 14.91 3.02 -4.21
N ASP B 116 15.82 3.51 -5.06
CA ASP B 116 16.80 4.54 -4.69
C ASP B 116 16.25 5.95 -4.92
N ASP B 117 15.11 6.01 -5.58
CA ASP B 117 14.45 7.25 -5.91
C ASP B 117 14.22 8.08 -4.67
N LEU B 118 15.06 9.09 -4.47
CA LEU B 118 14.97 9.99 -3.31
C LEU B 118 15.58 11.36 -3.66
N SER B 119 16.04 11.49 -4.89
CA SER B 119 16.66 12.72 -5.38
C SER B 119 15.77 13.89 -5.00
N THR B 120 14.47 13.66 -5.12
CA THR B 120 13.45 14.65 -4.79
C THR B 120 13.48 15.04 -3.30
N LEU B 121 13.28 14.05 -2.44
CA LEU B 121 13.26 14.22 -0.99
C LEU B 121 13.90 15.50 -0.48
N THR B 122 14.94 15.96 -1.16
CA THR B 122 15.65 17.17 -0.76
C THR B 122 14.73 18.34 -0.35
N GLY B 123 15.12 19.03 0.72
CA GLY B 123 14.36 20.17 1.19
C GLY B 123 12.90 19.94 1.52
N LYS B 124 12.60 19.00 2.41
CA LYS B 124 11.21 18.70 2.82
C LYS B 124 11.16 17.88 4.12
N ASN B 125 9.96 17.66 4.64
CA ASN B 125 9.77 16.90 5.88
C ASN B 125 9.50 15.43 5.59
N VAL B 126 10.47 14.57 5.90
CA VAL B 126 10.30 13.15 5.62
C VAL B 126 10.33 12.19 6.82
N LEU B 127 9.44 11.20 6.78
CA LEU B 127 9.37 10.17 7.82
C LEU B 127 9.45 8.82 7.11
N ILE B 128 10.11 7.85 7.71
CA ILE B 128 10.24 6.54 7.09
C ILE B 128 9.19 5.67 7.71
N VAL B 129 9.03 4.46 7.20
CA VAL B 129 8.05 3.52 7.70
C VAL B 129 8.57 2.11 7.50
N GLU B 130 8.14 1.16 8.42
CA GLU B 130 8.63 -0.21 8.25
C GLU B 130 7.95 -1.20 9.24
N ASP B 131 7.94 -1.98 8.31
CA ASP B 131 7.18 -2.93 9.19
C ASP B 131 7.50 -2.72 10.67
N ILE B 132 8.60 -3.34 10.97
CA ILE B 132 9.51 -3.89 11.97
C ILE B 132 10.87 -3.30 11.77
N ILE B 133 11.69 -3.42 12.81
CA ILE B 133 13.06 -2.93 12.85
C ILE B 133 13.81 -3.95 13.66
N ASP B 134 14.40 -4.94 12.99
CA ASP B 134 15.14 -5.98 13.68
C ASP B 134 16.45 -5.41 14.18
N THR B 135 17.54 -6.13 13.91
CA THR B 135 18.85 -5.67 14.33
C THR B 135 19.18 -4.29 13.78
N GLY B 136 18.19 -3.60 13.20
CA GLY B 136 18.42 -2.27 12.67
C GLY B 136 19.63 -2.22 11.76
N LYS B 137 20.05 -3.39 11.30
CA LYS B 137 21.21 -3.47 10.44
C LYS B 137 20.97 -2.70 9.17
N THR B 138 20.19 -3.27 8.25
CA THR B 138 19.88 -2.64 6.97
C THR B 138 19.26 -1.24 7.09
N MET B 139 18.34 -1.07 8.04
CA MET B 139 17.72 0.23 8.20
C MET B 139 18.84 1.25 8.38
N GLN B 140 19.77 0.97 9.30
CA GLN B 140 20.92 1.85 9.57
C GLN B 140 21.53 2.30 8.24
N THR B 141 21.86 1.34 7.39
CA THR B 141 22.44 1.63 6.09
C THR B 141 21.55 2.65 5.45
N LEU B 142 20.25 2.35 5.48
CA LEU B 142 19.22 3.23 4.92
C LEU B 142 19.34 4.62 5.52
N LEU B 143 19.19 4.72 6.84
CA LEU B 143 19.25 6.01 7.53
C LEU B 143 20.61 6.63 7.26
N SER B 144 21.62 5.77 7.18
CA SER B 144 22.98 6.19 6.89
C SER B 144 22.90 6.82 5.53
N LEU B 145 22.41 6.02 4.58
CA LEU B 145 22.23 6.46 3.22
C LEU B 145 21.23 7.60 3.28
N VAL B 146 20.36 7.57 4.28
CA VAL B 146 19.42 8.65 4.45
C VAL B 146 20.27 9.54 5.24
N ARG B 147 21.56 9.71 4.94
CA ARG B 147 22.46 10.86 5.08
C ARG B 147 23.49 11.13 3.95
N GLN B 148 23.11 11.95 2.98
CA GLN B 148 23.94 12.31 1.82
C GLN B 148 23.25 13.46 1.08
N TYR B 149 22.04 13.18 0.64
CA TYR B 149 21.22 14.18 -0.05
C TYR B 149 20.97 15.31 0.97
N ASN B 150 19.70 15.60 1.30
CA ASN B 150 19.37 16.60 2.30
C ASN B 150 17.94 17.10 2.27
N PRO B 151 17.16 16.76 3.32
CA PRO B 151 15.76 17.14 3.48
C PRO B 151 15.58 17.91 4.81
N LYS B 152 14.37 18.46 5.02
CA LYS B 152 14.02 19.20 6.24
C LYS B 152 14.02 18.31 7.47
N MET B 153 13.53 17.09 7.32
CA MET B 153 13.52 16.18 8.45
C MET B 153 13.48 14.72 8.03
N VAL B 154 13.81 13.85 9.00
CA VAL B 154 13.86 12.39 8.81
C VAL B 154 13.60 11.63 10.13
N LYS B 155 12.35 11.53 10.55
CA LYS B 155 12.04 10.78 11.76
C LYS B 155 12.29 9.31 11.44
N VAL B 156 11.37 8.45 11.87
CA VAL B 156 11.49 7.01 11.62
C VAL B 156 10.41 6.20 12.36
N ALA B 157 9.22 6.17 11.79
CA ALA B 157 8.12 5.43 12.39
C ALA B 157 8.22 3.97 12.03
N SER B 158 7.74 3.11 12.92
CA SER B 158 7.78 1.69 12.67
C SER B 158 6.86 1.06 13.67
N LEU B 159 6.26 -0.06 13.29
CA LEU B 159 5.34 -0.77 14.15
C LEU B 159 6.10 -1.66 15.12
N LEU B 160 6.86 -2.61 14.57
CA LEU B 160 7.61 -3.54 15.37
C LEU B 160 9.10 -3.29 15.53
N VAL B 161 9.53 -3.20 16.78
CA VAL B 161 10.93 -3.04 17.14
C VAL B 161 11.30 -4.35 17.81
N LYS B 162 12.58 -4.67 17.81
CA LYS B 162 13.01 -5.92 18.39
C LYS B 162 14.09 -5.70 19.42
N ARG B 163 13.91 -6.28 20.59
CA ARG B 163 14.89 -6.13 21.64
C ARG B 163 15.96 -7.19 21.36
N THR B 164 16.24 -7.41 20.07
CA THR B 164 17.26 -8.36 19.65
C THR B 164 18.57 -7.78 20.13
N PRO B 165 19.44 -8.62 20.72
CA PRO B 165 20.74 -8.16 21.24
C PRO B 165 21.65 -7.67 20.12
N ARG B 166 21.37 -8.14 18.90
CA ARG B 166 22.12 -7.79 17.69
C ARG B 166 21.97 -6.30 17.47
N SER B 167 20.88 -5.76 18.00
CA SER B 167 20.66 -4.35 17.87
C SER B 167 21.91 -3.61 18.31
N VAL B 168 22.32 -2.65 17.50
CA VAL B 168 23.50 -1.87 17.80
C VAL B 168 23.03 -0.80 18.80
N GLY B 169 21.73 -0.84 19.09
CA GLY B 169 21.12 0.10 20.02
C GLY B 169 20.47 1.29 19.33
N TYR B 170 19.85 1.04 18.18
CA TYR B 170 19.21 2.10 17.39
C TYR B 170 17.75 2.31 17.69
N LYS B 171 17.46 3.33 18.49
CA LYS B 171 16.08 3.65 18.87
C LYS B 171 15.45 4.52 17.76
N PRO B 172 14.32 4.06 17.17
CA PRO B 172 13.63 4.79 16.11
C PRO B 172 13.06 6.08 16.70
N ASP B 173 11.75 6.30 16.51
CA ASP B 173 11.08 7.46 17.06
C ASP B 173 9.58 7.25 17.04
N PHE B 174 9.18 6.05 16.65
CA PHE B 174 7.79 5.66 16.60
C PHE B 174 7.81 4.16 16.59
N VAL B 175 7.51 3.57 17.74
CA VAL B 175 7.51 2.12 17.88
C VAL B 175 6.20 1.62 18.44
N GLY B 176 5.47 0.88 17.62
CA GLY B 176 4.20 0.35 18.05
C GLY B 176 4.29 -0.64 19.20
N PHE B 177 4.72 -1.85 18.87
CA PHE B 177 4.83 -2.90 19.87
C PHE B 177 6.25 -3.41 20.08
N GLU B 178 6.94 -2.93 21.12
CA GLU B 178 8.30 -3.44 21.38
C GLU B 178 8.15 -4.92 21.70
N ILE B 179 9.01 -5.77 21.14
CA ILE B 179 8.88 -7.20 21.39
C ILE B 179 10.19 -7.98 21.63
N PRO B 180 10.09 -9.27 21.98
CA PRO B 180 11.30 -10.05 22.23
C PRO B 180 11.90 -10.67 20.98
N ASP B 181 13.13 -11.19 21.11
CA ASP B 181 13.83 -11.81 20.00
C ASP B 181 13.14 -13.08 19.59
N LYS B 182 12.15 -12.96 18.71
CA LYS B 182 11.45 -14.12 18.22
C LYS B 182 11.04 -13.91 16.77
N PHE B 183 10.34 -14.87 16.22
CA PHE B 183 9.89 -14.75 14.86
C PHE B 183 8.38 -14.73 14.78
N VAL B 184 7.88 -13.62 14.27
CA VAL B 184 6.46 -13.36 14.09
C VAL B 184 6.10 -13.30 12.58
N VAL B 185 4.82 -13.27 12.25
CA VAL B 185 4.41 -13.18 10.84
C VAL B 185 3.01 -12.56 10.70
N GLY B 186 2.43 -12.67 9.51
CA GLY B 186 1.11 -12.13 9.28
C GLY B 186 0.95 -10.62 9.44
N TYR B 187 0.11 -10.06 8.57
CA TYR B 187 -0.14 -8.63 8.54
C TYR B 187 1.20 -7.85 8.32
N ALA B 188 1.58 -7.66 7.04
CA ALA B 188 2.91 -7.05 6.67
C ALA B 188 4.02 -7.52 7.59
N LEU B 189 3.99 -8.80 7.78
CA LEU B 189 5.15 -9.61 8.17
C LEU B 189 4.97 -10.96 7.47
N ASP B 190 5.58 -11.07 6.30
CA ASP B 190 5.52 -12.28 5.48
C ASP B 190 6.75 -13.16 5.67
N TYR B 191 6.61 -14.42 5.32
CA TYR B 191 7.69 -15.39 5.43
C TYR B 191 7.74 -16.11 4.09
N ASN B 192 8.53 -15.55 3.17
CA ASN B 192 8.70 -16.06 1.81
C ASN B 192 7.37 -16.47 1.12
N GLU B 193 6.53 -15.46 0.86
CA GLU B 193 5.22 -15.64 0.21
C GLU B 193 4.07 -16.26 1.06
N TYR B 194 4.28 -16.34 2.37
CA TYR B 194 3.29 -16.91 3.27
C TYR B 194 2.97 -16.06 4.49
N PHE B 195 1.76 -16.24 5.02
CA PHE B 195 1.28 -15.53 6.20
C PHE B 195 0.86 -14.10 5.87
N ARG B 196 0.31 -13.92 4.68
CA ARG B 196 -0.11 -12.61 4.23
C ARG B 196 -1.61 -12.44 4.49
N ASP B 197 -2.25 -13.55 4.84
CA ASP B 197 -3.67 -13.58 5.13
C ASP B 197 -3.90 -13.93 6.60
N LEU B 198 -2.85 -13.80 7.39
CA LEU B 198 -2.89 -14.05 8.83
C LEU B 198 -2.77 -12.65 9.47
N ASN B 199 -3.89 -12.11 9.93
CA ASN B 199 -3.87 -10.77 10.49
C ASN B 199 -3.30 -10.72 11.88
N HIS B 200 -3.19 -11.88 12.52
CA HIS B 200 -2.67 -11.95 13.87
C HIS B 200 -1.21 -12.30 13.90
N VAL B 201 -0.38 -11.29 14.18
CA VAL B 201 1.07 -11.42 14.23
C VAL B 201 1.44 -12.47 15.25
N CYS B 202 1.41 -13.73 14.84
CA CYS B 202 1.71 -14.83 15.73
C CYS B 202 3.12 -15.35 15.50
N VAL B 203 3.62 -16.15 16.45
CA VAL B 203 4.96 -16.73 16.34
C VAL B 203 4.90 -18.02 15.55
N ILE B 204 5.66 -18.07 14.47
CA ILE B 204 5.69 -19.27 13.67
C ILE B 204 6.36 -20.28 14.56
N SER B 205 6.02 -21.56 14.38
CA SER B 205 6.59 -22.64 15.19
C SER B 205 7.88 -23.20 14.62
N GLU B 206 8.79 -23.59 15.50
CA GLU B 206 10.07 -24.15 15.10
C GLU B 206 9.82 -25.22 14.05
N THR B 207 8.57 -25.69 14.00
CA THR B 207 8.15 -26.70 13.04
C THR B 207 7.55 -26.05 11.80
N GLY B 208 6.76 -25.00 12.01
CA GLY B 208 6.15 -24.30 10.89
C GLY B 208 7.21 -23.80 9.94
N LYS B 209 8.14 -23.00 10.45
CA LYS B 209 9.21 -22.45 9.64
C LYS B 209 9.67 -23.54 8.69
N ALA B 210 9.84 -24.74 9.23
CA ALA B 210 10.31 -25.89 8.47
C ALA B 210 9.42 -26.33 7.31
N LYS B 211 8.24 -25.74 7.18
CA LYS B 211 7.37 -26.11 6.07
C LYS B 211 7.68 -25.20 4.90
N TYR B 212 7.97 -23.93 5.20
CA TYR B 212 8.30 -22.92 4.19
C TYR B 212 9.75 -22.51 4.39
N LYS B 213 10.69 -23.27 3.81
CA LYS B 213 12.12 -22.96 3.99
C LYS B 213 12.92 -22.74 2.72
N ALA B 214 13.58 -21.59 2.65
CA ALA B 214 14.41 -21.21 1.51
C ALA B 214 15.51 -20.27 1.98
MG MG C . -2.62 4.28 -12.33
O6 PPO D . -8.97 12.73 -13.50
C6 PPO D . -7.77 12.53 -13.27
C5 PPO D . -6.87 11.67 -13.99
N7 PPO D . -7.06 10.89 -15.12
N8 PPO D . -5.91 10.34 -15.34
C9 PPO D . -4.95 10.70 -14.43
C4 PPO D . -5.55 11.57 -13.55
N3 PPO D . -4.95 12.19 -12.48
C2 PPO D . -5.80 13.01 -11.79
N1 PPO D . -7.14 13.16 -12.16
C1 PRP E . -2.26 7.94 -14.27
C2 PRP E . -2.89 6.66 -13.81
C3 PRP E . -2.44 5.65 -14.78
C4 PRP E . -1.58 6.29 -15.74
C5 PRP E . -2.19 6.01 -16.97
O1 PRP E . -1.42 8.60 -13.23
O2 PRP E . -2.58 6.25 -12.45
O3 PRP E . -1.72 4.52 -14.27
O4 PRP E . -1.47 7.72 -15.44
O5 PRP E . -1.62 6.47 -18.11
P PRP E . -2.38 6.52 -19.60
O1P PRP E . -2.64 7.90 -19.97
O2P PRP E . -3.64 5.80 -19.59
O3P PRP E . -1.37 5.89 -20.53
PA PRP E . -0.43 8.10 -11.93
O1A PRP E . 0.46 7.18 -12.64
O2A PRP E . 0.47 9.27 -11.74
O3A PRP E . -0.37 7.17 -10.79
PB PRP E . -0.05 6.04 -9.85
O1B PRP E . -0.74 5.13 -10.93
O2B PRP E . -1.15 6.11 -8.86
O3B PRP E . 0.98 5.50 -8.96
MG MG F . 12.00 -3.28 5.95
O6 PPO G . 9.34 -12.65 8.49
C6 PPO G . 10.33 -11.98 8.81
C5 PPO G . 10.71 -11.59 10.13
N7 PPO G . 10.10 -11.83 11.36
N8 PPO G . 10.86 -11.25 12.23
C9 PPO G . 11.97 -10.64 11.67
C4 PPO G . 11.89 -10.84 10.31
N3 PPO G . 12.79 -10.40 9.35
C2 PPO G . 12.44 -10.77 8.06
N1 PPO G . 11.27 -11.53 7.80
C1 PRP H . 12.97 -6.94 7.59
C2 PRP H . 12.59 -5.48 7.41
C3 PRP H . 13.84 -4.73 7.56
C4 PRP H . 14.91 -5.68 7.78
C5 PRP H . 15.45 -5.31 8.98
O1 PRP H . 12.61 -7.81 6.46
O2 PRP H . 11.92 -5.12 6.17
O3 PRP H . 14.23 -3.87 6.48
O4 PRP H . 14.38 -7.03 7.79
O5 PRP H . 16.50 -6.02 9.43
P PRP H . 17.74 -5.32 10.29
O1P PRP H . 17.89 -5.97 11.56
O2P PRP H . 17.54 -3.91 10.52
O3P PRP H . 18.92 -5.61 9.40
PA PRP H . 11.46 -8.23 5.46
O1A PRP H . 12.71 -8.64 4.59
O2A PRP H . 11.07 -9.20 6.53
O3A PRP H . 10.14 -8.35 5.04
PB PRP H . 8.78 -8.80 5.59
O1B PRP H . 7.31 -9.40 5.72
O2B PRP H . 8.58 -7.42 6.10
O3B PRP H . 9.12 -10.01 6.21
#